data_2ZDT
#
_entry.id   2ZDT
#
_cell.length_a   50.331
_cell.length_b   71.687
_cell.length_c   108.103
_cell.angle_alpha   90.00
_cell.angle_beta   90.00
_cell.angle_gamma   90.00
#
_symmetry.space_group_name_H-M   'P 21 21 21'
#
loop_
_entity.id
_entity.type
_entity.pdbx_description
1 polymer 'Mitogen-activated protein kinase 10'
2 non-polymer '4-[(6-chloro-1-oxo-4-phenyl-3-propanoylisoquinolin-2(1H)-yl)methyl]benzoic acid'
3 non-polymer GLYCEROL
4 water water
#
_entity_poly.entity_id   1
_entity_poly.type   'polypeptide(L)'
_entity_poly.pdbx_seq_one_letter_code
;MSKSKVDNQFYSVEVGDSTFTVLKRYQNLKPIGSGAQGIVCAAYDAVLDRNVAIKKLSRPFQNQTHAKRAYRELVLMKCV
NHKNIISLLNVFTPQKTLEEFQDVYLVMELMDANLCQVIQMELDHERMSYLLYQMLCGIKHLHSAGIIHRDLKPSNIVVK
SDCTLKILDFGLARTAGTSFMMTPYVVTRYYRAPEVILGMGYKENVDIWSVGCIMGEMVRHKILFPGRDYIDQWNKVIEQ
LGTPCPEFMKKLQPTVRNYVENRPKYAGLTFPKLFPDSLFPADSEHNKLKASQARDLLSKMLVIDPAKRISVDDALQHPY
INVWYDPAEVEAPPPQIYDKQLDEREHTIEEWKELIYKEVMNSE
;
_entity_poly.pdbx_strand_id   A
#
loop_
_chem_comp.id
_chem_comp.type
_chem_comp.name
_chem_comp.formula
46C non-polymer '4-[(6-chloro-1-oxo-4-phenyl-3-propanoylisoquinolin-2(1H)-yl)methyl]benzoic acid' 'C26 H20 Cl N O4'
GOL non-polymer GLYCEROL 'C3 H8 O3'
#
# COMPACT_ATOMS: atom_id res chain seq x y z
N ASP A 7 -8.28 34.11 -21.17
CA ASP A 7 -8.84 34.14 -19.79
C ASP A 7 -9.41 32.77 -19.42
N ASN A 8 -8.55 31.75 -19.45
CA ASN A 8 -8.97 30.41 -19.14
C ASN A 8 -8.54 30.05 -17.72
N GLN A 9 -9.36 29.23 -17.07
CA GLN A 9 -9.14 28.81 -15.68
C GLN A 9 -7.84 28.02 -15.45
N PHE A 10 -7.17 27.64 -16.52
CA PHE A 10 -6.04 26.69 -16.49
C PHE A 10 -4.77 27.30 -17.07
N TYR A 11 -3.62 26.74 -16.70
CA TYR A 11 -2.36 27.00 -17.41
C TYR A 11 -1.54 25.72 -17.53
N SER A 12 -0.52 25.73 -18.37
CA SER A 12 0.27 24.54 -18.60
C SER A 12 1.74 24.75 -18.25
N VAL A 13 2.35 23.73 -17.66
CA VAL A 13 3.80 23.71 -17.45
C VAL A 13 4.38 22.35 -17.78
N GLU A 14 5.65 22.32 -18.16
CA GLU A 14 6.32 21.06 -18.46
C GLU A 14 6.88 20.44 -17.19
N VAL A 15 6.52 19.19 -16.96
CA VAL A 15 7.08 18.41 -15.88
C VAL A 15 7.66 17.15 -16.51
N GLY A 16 8.96 17.16 -16.77
CA GLY A 16 9.56 16.09 -17.55
C GLY A 16 9.05 16.12 -18.97
N ASP A 17 8.74 14.96 -19.51
CA ASP A 17 8.19 14.88 -20.85
C ASP A 17 6.66 14.80 -20.80
N SER A 18 6.08 15.28 -19.71
CA SER A 18 4.64 15.39 -19.63
C SER A 18 4.25 16.84 -19.41
N THR A 19 3.07 17.20 -19.87
CA THR A 19 2.53 18.54 -19.63
C THR A 19 1.52 18.43 -18.50
N PHE A 20 1.66 19.29 -17.50
CA PHE A 20 0.62 19.41 -16.49
C PHE A 20 -0.22 20.64 -16.80
N THR A 21 -1.50 20.43 -17.06
CA THR A 21 -2.42 21.53 -17.32
C THR A 21 -3.36 21.60 -16.14
N VAL A 22 -3.19 22.62 -15.29
CA VAL A 22 -3.89 22.66 -14.01
C VAL A 22 -4.59 23.99 -13.74
N LEU A 23 -5.51 23.97 -12.77
CA LEU A 23 -6.21 25.17 -12.36
C LEU A 23 -5.21 26.17 -11.81
N LYS A 24 -5.50 27.45 -12.05
CA LYS A 24 -4.57 28.50 -11.70
C LYS A 24 -4.33 28.61 -10.20
N ARG A 25 -5.23 28.08 -9.39
CA ARG A 25 -5.01 28.10 -7.94
C ARG A 25 -3.76 27.30 -7.56
N TYR A 26 -3.36 26.34 -8.39
CA TYR A 26 -2.20 25.50 -8.10
C TYR A 26 -0.90 26.02 -8.73
N GLN A 27 0.08 26.30 -7.89
CA GLN A 27 1.25 27.07 -8.29
C GLN A 27 2.55 26.37 -7.92
N ASN A 28 3.59 26.63 -8.69
CA ASN A 28 4.92 26.13 -8.37
C ASN A 28 4.93 24.62 -8.23
N LEU A 29 4.41 23.92 -9.25
CA LEU A 29 4.45 22.47 -9.22
C LEU A 29 5.90 21.96 -9.24
N LYS A 30 6.12 20.85 -8.56
CA LYS A 30 7.43 20.23 -8.51
C LYS A 30 7.19 18.71 -8.46
N PRO A 31 7.81 17.96 -9.39
CA PRO A 31 7.63 16.49 -9.37
C PRO A 31 8.23 15.93 -8.09
N ILE A 32 7.52 15.02 -7.42
CA ILE A 32 8.06 14.42 -6.20
C ILE A 32 8.23 12.92 -6.36
N GLY A 33 7.62 12.38 -7.41
CA GLY A 33 7.61 10.93 -7.55
C GLY A 33 6.85 10.50 -8.78
N SER A 34 6.92 9.20 -9.06
CA SER A 34 6.25 8.62 -10.20
C SER A 34 5.82 7.20 -9.86
N GLY A 35 4.63 6.82 -10.30
CA GLY A 35 4.14 5.48 -10.07
C GLY A 35 3.65 4.89 -11.39
N ALA A 36 2.83 3.86 -11.31
CA ALA A 36 2.34 3.19 -12.52
C ALA A 36 1.44 4.14 -13.32
N GLN A 37 0.76 5.04 -12.62
CA GLN A 37 -0.11 6.01 -13.28
C GLN A 37 0.62 7.27 -13.67
N GLY A 38 1.93 7.32 -13.41
CA GLY A 38 2.71 8.45 -13.87
C GLY A 38 3.24 9.36 -12.77
N ILE A 39 3.27 10.65 -13.06
CA ILE A 39 3.95 11.61 -12.21
C ILE A 39 3.02 12.28 -11.21
N VAL A 40 3.52 12.48 -10.00
CA VAL A 40 2.83 13.27 -8.99
C VAL A 40 3.69 14.50 -8.70
N CYS A 41 3.07 15.67 -8.66
CA CYS A 41 3.75 16.93 -8.32
C CYS A 41 3.26 17.44 -7.00
N ALA A 42 4.17 18.06 -6.23
CA ALA A 42 3.76 18.91 -5.12
C ALA A 42 3.41 20.29 -5.68
N ALA A 43 2.52 20.99 -5.01
CA ALA A 43 2.10 22.32 -5.45
C ALA A 43 1.56 23.15 -4.30
N TYR A 44 1.55 24.46 -4.49
CA TYR A 44 0.90 25.37 -3.56
C TYR A 44 -0.51 25.68 -4.03
N ASP A 45 -1.47 25.52 -3.14
CA ASP A 45 -2.86 25.83 -3.45
C ASP A 45 -3.15 27.22 -2.89
N ALA A 46 -3.28 28.22 -3.78
CA ALA A 46 -3.45 29.60 -3.35
C ALA A 46 -4.80 29.81 -2.71
N VAL A 47 -5.74 28.91 -2.96
CA VAL A 47 -7.08 29.09 -2.45
C VAL A 47 -7.20 28.54 -1.04
N LEU A 48 -6.66 27.36 -0.83
CA LEU A 48 -6.64 26.77 0.50
C LEU A 48 -5.47 27.29 1.33
N ASP A 49 -4.49 27.89 0.66
CA ASP A 49 -3.27 28.34 1.33
C ASP A 49 -2.57 27.19 2.03
N ARG A 50 -2.33 26.13 1.27
CA ARG A 50 -1.56 25.00 1.79
C ARG A 50 -0.99 24.24 0.62
N ASN A 51 0.01 23.42 0.91
CA ASN A 51 0.59 22.57 -0.11
C ASN A 51 -0.27 21.35 -0.35
N VAL A 52 -0.29 20.89 -1.60
CA VAL A 52 -1.07 19.73 -2.00
C VAL A 52 -0.24 18.82 -2.92
N ALA A 53 -0.73 17.60 -3.19
CA ALA A 53 -0.16 16.75 -4.23
C ALA A 53 -1.12 16.65 -5.40
N ILE A 54 -0.58 16.70 -6.61
CA ILE A 54 -1.39 16.61 -7.83
C ILE A 54 -0.96 15.43 -8.68
N LYS A 55 -1.88 14.51 -8.88
CA LYS A 55 -1.63 13.28 -9.60
C LYS A 55 -2.32 13.38 -10.96
N LYS A 56 -1.54 13.26 -12.03
CA LYS A 56 -2.13 13.28 -13.37
C LYS A 56 -2.37 11.86 -13.90
N LEU A 57 -3.62 11.59 -14.25
CA LEU A 57 -3.97 10.37 -14.96
C LEU A 57 -4.11 10.73 -16.44
N SER A 58 -3.21 10.18 -17.27
CA SER A 58 -3.26 10.41 -18.72
C SER A 58 -4.10 9.33 -19.40
N ARG A 59 -5.24 9.73 -19.98
CA ARG A 59 -6.10 8.82 -20.73
C ARG A 59 -6.26 7.48 -20.01
N PRO A 60 -6.78 7.50 -18.77
CA PRO A 60 -6.89 6.30 -17.93
C PRO A 60 -7.82 5.22 -18.52
N PHE A 61 -8.68 5.66 -19.43
CA PHE A 61 -9.60 4.75 -20.11
C PHE A 61 -8.91 3.98 -21.24
N GLN A 62 -7.61 4.20 -21.43
CA GLN A 62 -6.89 3.63 -22.56
C GLN A 62 -6.76 2.10 -22.54
N ASN A 63 -6.81 1.51 -21.35
CA ASN A 63 -7.04 0.08 -21.26
C ASN A 63 -7.72 -0.29 -19.96
N GLN A 64 -8.14 -1.54 -19.86
CA GLN A 64 -8.96 -2.01 -18.75
C GLN A 64 -8.26 -1.80 -17.43
N THR A 65 -6.96 -2.04 -17.42
CA THR A 65 -6.18 -2.02 -16.20
C THR A 65 -6.05 -0.62 -15.63
N HIS A 66 -5.69 0.34 -16.47
CA HIS A 66 -5.68 1.73 -16.04
C HIS A 66 -7.10 2.17 -15.69
N ALA A 67 -8.06 1.78 -16.52
CA ALA A 67 -9.40 2.32 -16.44
C ALA A 67 -10.03 1.93 -15.13
N LYS A 68 -9.89 0.66 -14.76
CA LYS A 68 -10.53 0.13 -13.57
C LYS A 68 -9.89 0.69 -12.31
N ARG A 69 -8.57 0.84 -12.30
CA ARG A 69 -7.91 1.46 -11.16
C ARG A 69 -8.36 2.92 -11.00
N ALA A 70 -8.41 3.66 -12.11
CA ALA A 70 -8.73 5.09 -12.02
C ALA A 70 -10.14 5.24 -11.50
N TYR A 71 -11.05 4.43 -12.05
CA TYR A 71 -12.45 4.54 -11.67
C TYR A 71 -12.63 4.21 -10.20
N ARG A 72 -12.04 3.10 -9.77
CA ARG A 72 -12.07 2.67 -8.37
C ARG A 72 -11.47 3.73 -7.45
N GLU A 73 -10.31 4.26 -7.82
CA GLU A 73 -9.66 5.29 -7.04
C GLU A 73 -10.58 6.50 -6.83
N LEU A 74 -11.22 6.97 -7.91
CA LEU A 74 -12.13 8.11 -7.83
C LEU A 74 -13.30 7.82 -6.90
N VAL A 75 -13.98 6.71 -7.13
CA VAL A 75 -15.15 6.37 -6.31
C VAL A 75 -14.77 6.17 -4.85
N LEU A 76 -13.72 5.40 -4.58
CA LEU A 76 -13.36 5.13 -3.20
C LEU A 76 -12.82 6.37 -2.48
N MET A 77 -12.09 7.23 -3.19
CA MET A 77 -11.56 8.45 -2.56
C MET A 77 -12.69 9.37 -2.12
N LYS A 78 -13.83 9.29 -2.80
CA LYS A 78 -14.96 10.17 -2.47
C LYS A 78 -15.79 9.65 -1.30
N CYS A 79 -15.74 8.34 -1.06
CA CYS A 79 -16.50 7.74 0.04
C CYS A 79 -15.68 7.68 1.32
N VAL A 80 -14.46 7.19 1.21
CA VAL A 80 -13.64 6.92 2.38
C VAL A 80 -13.12 8.18 3.03
N ASN A 81 -13.29 8.27 4.34
CA ASN A 81 -12.73 9.39 5.08
C ASN A 81 -12.09 8.87 6.37
N HIS A 82 -10.77 8.68 6.33
CA HIS A 82 -10.06 8.19 7.51
C HIS A 82 -8.66 8.79 7.55
N LYS A 83 -8.20 9.12 8.75
CA LYS A 83 -6.92 9.82 8.90
C LYS A 83 -5.72 9.03 8.38
N ASN A 84 -5.84 7.70 8.31
CA ASN A 84 -4.73 6.90 7.80
C ASN A 84 -4.93 6.50 6.33
N ILE A 85 -5.96 7.05 5.70
CA ILE A 85 -6.14 6.95 4.26
C ILE A 85 -5.99 8.36 3.66
N ILE A 86 -5.21 8.48 2.60
CA ILE A 86 -4.92 9.78 1.99
C ILE A 86 -6.22 10.43 1.55
N SER A 87 -6.34 11.73 1.81
CA SER A 87 -7.55 12.51 1.49
C SER A 87 -7.49 13.17 0.11
N LEU A 88 -8.58 13.03 -0.62
CA LEU A 88 -8.79 13.72 -1.88
C LEU A 88 -9.32 15.13 -1.60
N LEU A 89 -8.70 16.15 -2.17
CA LEU A 89 -9.12 17.53 -1.95
C LEU A 89 -9.94 18.07 -3.13
N ASN A 90 -9.58 17.67 -4.34
CA ASN A 90 -10.22 18.24 -5.54
C ASN A 90 -9.96 17.29 -6.70
N VAL A 91 -10.80 17.37 -7.72
CA VAL A 91 -10.62 16.59 -8.95
C VAL A 91 -11.01 17.45 -10.15
N PHE A 92 -10.22 17.40 -11.23
CA PHE A 92 -10.56 18.17 -12.42
C PHE A 92 -10.02 17.57 -13.70
N THR A 93 -10.64 17.95 -14.81
CA THR A 93 -10.01 17.78 -16.11
C THR A 93 -10.02 19.13 -16.79
N PRO A 94 -8.97 19.46 -17.51
CA PRO A 94 -8.99 20.70 -18.29
C PRO A 94 -9.87 20.63 -19.53
N GLN A 95 -10.17 19.42 -20.02
CA GLN A 95 -10.96 19.29 -21.23
C GLN A 95 -12.43 19.56 -20.96
N LYS A 96 -13.14 20.09 -21.96
CA LYS A 96 -14.46 20.66 -21.73
C LYS A 96 -15.63 19.73 -22.11
N THR A 97 -15.36 18.70 -22.89
CA THR A 97 -16.41 17.79 -23.32
C THR A 97 -15.93 16.35 -23.26
N LEU A 98 -16.87 15.42 -23.23
CA LEU A 98 -16.54 14.01 -23.21
C LEU A 98 -15.69 13.61 -24.40
N GLU A 99 -16.01 14.16 -25.56
CA GLU A 99 -15.25 13.82 -26.77
C GLU A 99 -13.85 14.40 -26.70
N GLU A 100 -13.71 15.56 -26.08
CA GLU A 100 -12.38 16.13 -25.88
C GLU A 100 -11.62 15.53 -24.70
N PHE A 101 -12.34 14.88 -23.78
CA PHE A 101 -11.77 14.37 -22.53
C PHE A 101 -10.50 13.54 -22.72
N GLN A 102 -9.44 13.89 -22.01
CA GLN A 102 -8.19 13.13 -22.06
C GLN A 102 -7.65 12.76 -20.69
N ASP A 103 -7.53 13.75 -19.81
CA ASP A 103 -6.76 13.60 -18.59
C ASP A 103 -7.60 13.92 -17.36
N VAL A 104 -7.27 13.24 -16.27
CA VAL A 104 -7.88 13.46 -14.95
C VAL A 104 -6.80 13.88 -13.96
N TYR A 105 -7.05 14.96 -13.21
CA TYR A 105 -6.09 15.39 -12.20
C TYR A 105 -6.69 15.22 -10.82
N LEU A 106 -6.00 14.45 -9.97
CA LEU A 106 -6.45 14.26 -8.60
C LEU A 106 -5.58 15.11 -7.69
N VAL A 107 -6.21 15.98 -6.92
CA VAL A 107 -5.51 16.77 -5.92
C VAL A 107 -5.67 16.16 -4.52
N MET A 108 -4.54 15.83 -3.90
CA MET A 108 -4.53 15.11 -2.64
C MET A 108 -3.80 15.90 -1.58
N GLU A 109 -4.04 15.55 -0.31
CA GLU A 109 -3.24 16.15 0.76
C GLU A 109 -1.80 15.70 0.57
N LEU A 110 -0.87 16.52 1.01
CA LEU A 110 0.55 16.27 0.79
C LEU A 110 1.22 15.94 2.11
N MET A 111 2.07 14.91 2.12
CA MET A 111 2.87 14.58 3.31
C MET A 111 4.35 14.90 3.01
N ASP A 112 5.26 14.27 3.76
CA ASP A 112 6.67 14.70 3.75
C ASP A 112 7.60 13.67 3.12
N ALA A 113 7.25 12.39 3.21
CA ALA A 113 8.17 11.34 2.85
C ALA A 113 7.48 10.03 2.58
N ASN A 114 8.16 9.19 1.82
CA ASN A 114 7.71 7.84 1.50
C ASN A 114 8.16 6.89 2.62
N LEU A 115 7.39 5.84 2.89
CA LEU A 115 7.82 4.85 3.88
C LEU A 115 9.17 4.22 3.47
N CYS A 116 9.42 4.09 2.17
CA CYS A 116 10.73 3.61 1.73
C CYS A 116 11.88 4.43 2.31
N GLN A 117 11.67 5.73 2.50
CA GLN A 117 12.73 6.57 3.09
C GLN A 117 12.86 6.28 4.59
N VAL A 118 11.73 6.03 5.23
CA VAL A 118 11.70 5.75 6.65
C VAL A 118 12.29 4.37 6.94
N ILE A 119 12.06 3.44 6.03
CA ILE A 119 12.60 2.09 6.15
C ILE A 119 14.12 2.11 6.24
N GLN A 120 14.74 3.11 5.62
CA GLN A 120 16.18 3.23 5.61
C GLN A 120 16.72 3.75 6.94
N MET A 121 15.84 4.27 7.78
CA MET A 121 16.26 4.89 9.01
C MET A 121 16.27 3.88 10.15
N GLU A 122 17.05 4.19 11.17
CA GLU A 122 17.00 3.47 12.43
C GLU A 122 15.93 4.18 13.25
N LEU A 123 14.83 3.49 13.54
CA LEU A 123 13.73 4.09 14.29
C LEU A 123 13.62 3.56 15.71
N ASP A 124 13.27 4.43 16.65
CA ASP A 124 12.99 3.98 18.01
C ASP A 124 11.70 3.16 18.00
N HIS A 125 11.39 2.50 19.11
CA HIS A 125 10.22 1.61 19.17
C HIS A 125 8.92 2.39 19.21
N GLU A 126 8.99 3.61 19.73
CA GLU A 126 7.79 4.43 19.84
C GLU A 126 7.28 4.83 18.44
N ARG A 127 8.22 5.19 17.55
CA ARG A 127 7.88 5.58 16.19
C ARG A 127 7.55 4.37 15.34
N MET A 128 8.32 3.30 15.53
CA MET A 128 8.12 2.08 14.78
C MET A 128 6.72 1.53 15.08
N SER A 129 6.40 1.39 16.37
CA SER A 129 5.09 0.89 16.75
C SER A 129 3.96 1.81 16.33
N TYR A 130 4.18 3.13 16.32
CA TYR A 130 3.09 4.04 15.98
C TYR A 130 2.78 4.00 14.48
N LEU A 131 3.82 3.89 13.65
CA LEU A 131 3.60 3.69 12.22
C LEU A 131 2.80 2.41 11.96
N LEU A 132 3.14 1.33 12.66
CA LEU A 132 2.47 0.06 12.44
C LEU A 132 1.01 0.13 12.90
N TYR A 133 0.78 0.77 14.05
CA TYR A 133 -0.60 1.00 14.54
C TYR A 133 -1.42 1.68 13.43
N GLN A 134 -0.87 2.76 12.86
CA GLN A 134 -1.59 3.52 11.83
C GLN A 134 -1.84 2.75 10.55
N MET A 135 -0.90 1.92 10.13
CA MET A 135 -1.16 1.00 9.03
C MET A 135 -2.32 0.06 9.34
N LEU A 136 -2.32 -0.51 10.54
CA LEU A 136 -3.41 -1.40 10.95
C LEU A 136 -4.78 -0.71 11.00
N CYS A 137 -4.78 0.56 11.45
CA CYS A 137 -6.01 1.35 11.51
C CYS A 137 -6.57 1.64 10.13
N GLY A 138 -5.69 2.00 9.20
CA GLY A 138 -6.16 2.27 7.86
C GLY A 138 -6.70 1.02 7.20
N ILE A 139 -5.97 -0.08 7.34
CA ILE A 139 -6.40 -1.37 6.78
C ILE A 139 -7.69 -1.84 7.45
N LYS A 140 -7.79 -1.63 8.76
CA LYS A 140 -9.02 -1.98 9.45
C LYS A 140 -10.21 -1.24 8.83
N HIS A 141 -10.10 0.08 8.70
CA HIS A 141 -11.16 0.90 8.12
C HIS A 141 -11.56 0.41 6.73
N LEU A 142 -10.56 0.12 5.89
CA LEU A 142 -10.79 -0.46 4.57
C LEU A 142 -11.58 -1.76 4.69
N HIS A 143 -11.17 -2.62 5.62
CA HIS A 143 -11.81 -3.92 5.75
C HIS A 143 -13.27 -3.75 6.15
N SER A 144 -13.55 -2.72 6.93
CA SER A 144 -14.91 -2.49 7.45
C SER A 144 -15.84 -1.99 6.34
N ALA A 145 -15.25 -1.52 5.25
CA ALA A 145 -16.03 -1.11 4.08
C ALA A 145 -16.05 -2.21 3.02
N GLY A 146 -15.52 -3.38 3.34
CA GLY A 146 -15.54 -4.49 2.40
C GLY A 146 -14.39 -4.46 1.41
N ILE A 147 -13.42 -3.60 1.66
CA ILE A 147 -12.24 -3.44 0.80
C ILE A 147 -11.07 -4.20 1.42
N ILE A 148 -10.60 -5.24 0.74
CA ILE A 148 -9.39 -5.96 1.13
C ILE A 148 -8.29 -5.55 0.17
N HIS A 149 -7.22 -4.97 0.70
CA HIS A 149 -6.31 -4.18 -0.14
C HIS A 149 -5.54 -5.14 -1.06
N ARG A 150 -4.85 -6.10 -0.45
CA ARG A 150 -4.10 -7.13 -1.16
C ARG A 150 -2.78 -6.73 -1.80
N ASP A 151 -2.46 -5.45 -1.88
CA ASP A 151 -1.17 -5.09 -2.46
C ASP A 151 -0.51 -3.95 -1.73
N LEU A 152 -0.61 -3.97 -0.41
CA LEU A 152 -0.02 -2.91 0.39
C LEU A 152 1.51 -3.02 0.20
N LYS A 153 2.16 -1.88 -0.05
CA LYS A 153 3.62 -1.85 -0.16
C LYS A 153 4.16 -0.48 0.28
N PRO A 154 5.41 -0.44 0.74
CA PRO A 154 5.88 0.82 1.31
C PRO A 154 5.93 2.02 0.36
N SER A 155 6.12 1.78 -0.94
CA SER A 155 6.23 2.91 -1.87
C SER A 155 4.91 3.66 -1.94
N ASN A 156 3.83 3.00 -1.51
CA ASN A 156 2.50 3.60 -1.55
C ASN A 156 1.93 3.98 -0.18
N ILE A 157 2.82 4.25 0.76
CA ILE A 157 2.42 4.72 2.07
C ILE A 157 3.31 5.93 2.34
N VAL A 158 2.74 7.00 2.87
CA VAL A 158 3.52 8.21 3.07
C VAL A 158 3.44 8.68 4.51
N VAL A 159 4.46 9.42 4.94
CA VAL A 159 4.54 9.82 6.33
C VAL A 159 4.83 11.33 6.44
N LYS A 160 4.51 11.89 7.59
CA LYS A 160 4.81 13.28 7.86
C LYS A 160 5.88 13.33 8.93
N SER A 161 6.45 14.51 9.15
CA SER A 161 7.50 14.69 10.15
C SER A 161 7.04 14.33 11.55
N ASP A 162 5.75 14.52 11.82
CA ASP A 162 5.22 14.23 13.15
C ASP A 162 4.81 12.76 13.29
N CYS A 163 5.21 11.94 12.31
CA CYS A 163 5.01 10.49 12.35
C CYS A 163 3.59 10.05 12.00
N THR A 164 2.76 10.96 11.52
CA THR A 164 1.48 10.54 10.99
C THR A 164 1.67 9.84 9.63
N LEU A 165 0.78 8.89 9.34
CA LEU A 165 0.96 7.97 8.22
C LEU A 165 -0.35 7.85 7.42
N LYS A 166 -0.24 7.79 6.10
CA LYS A 166 -1.41 7.54 5.27
C LYS A 166 -1.13 6.60 4.12
N ILE A 167 -2.08 5.72 3.87
CA ILE A 167 -2.01 4.78 2.75
C ILE A 167 -2.56 5.48 1.51
N LEU A 168 -1.89 5.29 0.37
CA LEU A 168 -2.16 6.10 -0.83
C LEU A 168 -3.18 5.46 -1.75
N ASP A 169 -3.34 4.15 -1.66
CA ASP A 169 -4.12 3.44 -2.68
C ASP A 169 -4.97 2.34 -2.07
N PHE A 170 -5.80 1.73 -2.92
CA PHE A 170 -6.80 0.78 -2.48
C PHE A 170 -6.53 -0.61 -3.02
N GLY A 171 -5.35 -0.80 -3.59
CA GLY A 171 -4.92 -2.13 -3.96
C GLY A 171 -5.65 -2.65 -5.18
N LEU A 172 -5.72 -3.97 -5.30
CA LEU A 172 -6.65 -4.69 -6.20
C LEU A 172 -6.00 -6.05 -6.29
N ALA A 173 -4.68 -6.03 -6.40
CA ALA A 173 -3.82 -7.20 -6.27
C ALA A 173 -2.50 -6.74 -6.85
N SER A 179 -3.59 -6.67 -14.36
CA SER A 179 -3.25 -7.48 -15.51
C SER A 179 -2.33 -6.75 -16.48
N PHE A 180 -2.41 -7.12 -17.76
CA PHE A 180 -1.37 -6.79 -18.74
C PHE A 180 -1.34 -5.33 -19.17
N MET A 181 -0.13 -4.78 -19.26
CA MET A 181 0.10 -3.48 -19.86
C MET A 181 1.43 -3.49 -20.58
N MET A 182 1.51 -2.77 -21.69
CA MET A 182 2.75 -2.70 -22.45
C MET A 182 3.53 -1.48 -22.04
N THR A 183 4.05 -1.48 -20.82
CA THR A 183 4.93 -0.42 -20.37
C THR A 183 6.20 -1.02 -19.75
N PRO A 184 7.24 -0.19 -19.57
CA PRO A 184 8.47 -0.64 -18.92
C PRO A 184 8.30 -0.74 -17.41
N TYR A 185 7.26 -0.11 -16.89
CA TYR A 185 7.05 -0.08 -15.45
C TYR A 185 6.99 -1.49 -14.88
N VAL A 186 7.76 -1.75 -13.83
CA VAL A 186 7.74 -3.05 -13.18
C VAL A 186 7.00 -3.00 -11.84
N VAL A 187 5.99 -3.85 -11.70
CA VAL A 187 5.19 -3.85 -10.50
C VAL A 187 5.91 -4.58 -9.38
N THR A 188 5.91 -3.96 -8.20
CA THR A 188 6.55 -4.53 -7.02
C THR A 188 5.66 -5.57 -6.32
N ARG A 189 6.14 -6.81 -6.28
CA ARG A 189 5.36 -7.90 -5.72
C ARG A 189 5.90 -8.47 -4.40
N TYR A 190 7.00 -7.92 -3.89
CA TYR A 190 7.70 -8.46 -2.72
C TYR A 190 6.84 -8.60 -1.46
N TYR A 191 5.75 -7.83 -1.38
CA TYR A 191 4.94 -7.70 -0.16
C TYR A 191 3.62 -8.51 -0.16
N ARG A 192 3.39 -9.26 -1.23
CA ARG A 192 2.15 -10.00 -1.38
C ARG A 192 2.14 -11.33 -0.60
N ALA A 193 0.97 -11.66 -0.04
CA ALA A 193 0.80 -12.88 0.75
C ALA A 193 0.99 -14.15 -0.09
N PRO A 194 1.41 -15.25 0.56
CA PRO A 194 1.40 -16.59 -0.04
C PRO A 194 0.10 -16.88 -0.78
N GLU A 195 -1.04 -16.48 -0.21
CA GLU A 195 -2.29 -16.78 -0.87
C GLU A 195 -2.47 -15.97 -2.17
N VAL A 196 -1.91 -14.77 -2.22
CA VAL A 196 -1.85 -14.03 -3.49
C VAL A 196 -0.82 -14.66 -4.43
N ILE A 197 0.34 -15.01 -3.90
CA ILE A 197 1.40 -15.60 -4.71
C ILE A 197 0.98 -16.92 -5.36
N LEU A 198 0.33 -17.78 -4.57
CA LEU A 198 -0.07 -19.10 -5.01
C LEU A 198 -1.52 -19.11 -5.50
N GLY A 199 -2.11 -17.91 -5.54
CA GLY A 199 -3.43 -17.74 -6.12
C GLY A 199 -4.48 -18.64 -5.51
N MET A 200 -4.68 -18.56 -4.20
CA MET A 200 -5.55 -19.52 -3.53
C MET A 200 -6.78 -18.97 -2.82
N GLY A 201 -7.08 -17.69 -2.98
CA GLY A 201 -8.21 -17.16 -2.25
C GLY A 201 -7.80 -16.72 -0.86
N TYR A 202 -8.53 -15.77 -0.30
CA TYR A 202 -7.97 -14.91 0.74
C TYR A 202 -9.05 -14.26 1.57
N LYS A 203 -8.70 -13.91 2.80
CA LYS A 203 -9.56 -13.09 3.63
C LYS A 203 -8.81 -11.83 4.08
N GLU A 204 -9.37 -11.14 5.06
CA GLU A 204 -8.85 -9.85 5.47
C GLU A 204 -7.36 -9.90 5.88
N ASN A 205 -6.95 -10.95 6.58
CA ASN A 205 -5.56 -10.98 7.05
C ASN A 205 -4.54 -11.28 5.96
N VAL A 206 -4.98 -11.35 4.70
CA VAL A 206 -4.04 -11.27 3.60
C VAL A 206 -3.19 -9.99 3.76
N ASP A 207 -3.78 -8.90 4.27
CA ASP A 207 -3.06 -7.64 4.42
C ASP A 207 -2.09 -7.64 5.62
N ILE A 208 -2.34 -8.51 6.59
CA ILE A 208 -1.42 -8.65 7.72
C ILE A 208 -0.03 -9.13 7.27
N TRP A 209 0.01 -10.03 6.28
CA TRP A 209 1.28 -10.52 5.74
C TRP A 209 2.11 -9.34 5.24
N SER A 210 1.48 -8.47 4.47
CA SER A 210 2.18 -7.30 3.91
C SER A 210 2.71 -6.37 5.00
N VAL A 211 1.92 -6.14 6.04
CA VAL A 211 2.42 -5.34 7.15
C VAL A 211 3.62 -6.03 7.80
N GLY A 212 3.56 -7.35 7.88
CA GLY A 212 4.69 -8.09 8.46
C GLY A 212 5.95 -7.95 7.62
N CYS A 213 5.80 -7.93 6.29
CA CYS A 213 6.95 -7.76 5.39
C CYS A 213 7.58 -6.37 5.55
N ILE A 214 6.73 -5.35 5.66
CA ILE A 214 7.19 -3.98 5.87
C ILE A 214 7.89 -3.84 7.23
N MET A 215 7.23 -4.33 8.28
CA MET A 215 7.84 -4.34 9.61
C MET A 215 9.18 -5.04 9.61
N GLY A 216 9.26 -6.17 8.94
CA GLY A 216 10.50 -6.93 8.93
C GLY A 216 11.59 -6.13 8.23
N GLU A 217 11.21 -5.41 7.18
CA GLU A 217 12.15 -4.62 6.40
C GLU A 217 12.59 -3.39 7.20
N MET A 218 11.67 -2.81 7.98
CA MET A 218 12.04 -1.70 8.86
C MET A 218 13.15 -2.09 9.82
N VAL A 219 13.17 -3.37 10.19
CA VAL A 219 14.17 -3.92 11.10
C VAL A 219 15.44 -4.33 10.36
N ARG A 220 15.30 -5.14 9.32
CA ARG A 220 16.45 -5.66 8.58
C ARG A 220 17.09 -4.62 7.68
N HIS A 221 16.31 -3.63 7.28
CA HIS A 221 16.75 -2.66 6.28
C HIS A 221 17.06 -3.34 4.96
N LYS A 222 16.63 -4.59 4.82
CA LYS A 222 16.62 -5.28 3.53
C LYS A 222 15.23 -5.82 3.24
N ILE A 223 14.87 -5.89 1.95
CA ILE A 223 13.64 -6.53 1.53
C ILE A 223 13.66 -7.99 1.95
N LEU A 224 12.60 -8.44 2.62
CA LEU A 224 12.53 -9.80 3.13
C LEU A 224 12.45 -10.90 2.05
N PHE A 225 11.59 -10.72 1.06
CA PHE A 225 11.32 -11.79 0.11
C PHE A 225 11.43 -11.26 -1.32
N PRO A 226 12.64 -10.87 -1.74
CA PRO A 226 12.84 -10.43 -3.13
C PRO A 226 12.80 -11.61 -4.10
N GLY A 227 12.71 -11.30 -5.38
CA GLY A 227 12.75 -12.36 -6.38
C GLY A 227 12.31 -11.81 -7.72
N ARG A 228 12.88 -12.35 -8.80
CA ARG A 228 12.55 -11.92 -10.14
C ARG A 228 11.07 -12.08 -10.39
N ASP A 229 10.52 -13.20 -9.94
CA ASP A 229 9.09 -13.45 -10.02
C ASP A 229 8.66 -14.39 -8.93
N TYR A 230 7.43 -14.89 -9.03
CA TYR A 230 6.82 -15.66 -7.95
C TYR A 230 7.61 -16.90 -7.56
N ILE A 231 8.38 -17.46 -8.50
CA ILE A 231 9.15 -18.67 -8.22
C ILE A 231 10.27 -18.38 -7.22
N ASP A 232 11.09 -17.37 -7.53
CA ASP A 232 12.15 -16.94 -6.62
C ASP A 232 11.55 -16.46 -5.31
N GLN A 233 10.43 -15.76 -5.41
CA GLN A 233 9.86 -15.18 -4.22
C GLN A 233 9.41 -16.26 -3.25
N TRP A 234 8.79 -17.32 -3.77
CA TRP A 234 8.35 -18.40 -2.90
C TRP A 234 9.57 -19.09 -2.32
N ASN A 235 10.64 -19.16 -3.11
CA ASN A 235 11.89 -19.70 -2.61
C ASN A 235 12.37 -18.92 -1.39
N LYS A 236 12.33 -17.59 -1.46
CA LYS A 236 12.81 -16.77 -0.35
C LYS A 236 11.91 -16.92 0.88
N VAL A 237 10.62 -17.16 0.66
CA VAL A 237 9.70 -17.38 1.76
C VAL A 237 9.98 -18.65 2.57
N ILE A 238 10.09 -19.78 1.89
CA ILE A 238 10.19 -21.04 2.60
C ILE A 238 11.60 -21.23 3.13
N GLU A 239 12.57 -20.63 2.47
CA GLU A 239 13.96 -20.71 2.89
C GLU A 239 14.18 -20.02 4.24
N GLN A 240 13.38 -18.99 4.51
CA GLN A 240 13.47 -18.25 5.77
C GLN A 240 12.49 -18.71 6.84
N LEU A 241 11.24 -18.94 6.42
CA LEU A 241 10.16 -19.32 7.33
C LEU A 241 9.99 -20.84 7.38
N GLY A 242 10.58 -21.52 6.40
CA GLY A 242 10.47 -22.97 6.34
C GLY A 242 9.27 -23.45 5.57
N THR A 243 9.34 -24.69 5.08
CA THR A 243 8.27 -25.32 4.30
C THR A 243 6.97 -25.40 5.12
N PRO A 244 5.84 -25.00 4.53
CA PRO A 244 4.56 -25.03 5.26
C PRO A 244 4.09 -26.44 5.66
N CYS A 245 3.18 -26.49 6.63
CA CYS A 245 2.58 -27.76 7.07
C CYS A 245 1.57 -28.35 6.08
N PRO A 246 1.21 -29.63 6.26
CA PRO A 246 0.34 -30.35 5.33
C PRO A 246 -1.04 -29.75 5.19
N GLU A 247 -1.64 -29.36 6.31
CA GLU A 247 -2.97 -28.78 6.28
C GLU A 247 -2.99 -27.53 5.41
N PHE A 248 -1.87 -26.85 5.30
CA PHE A 248 -1.78 -25.74 4.37
C PHE A 248 -1.81 -26.27 2.93
N MET A 249 -1.03 -27.32 2.68
CA MET A 249 -0.94 -27.90 1.35
C MET A 249 -2.32 -28.25 0.75
N LYS A 250 -3.28 -28.62 1.60
CA LYS A 250 -4.55 -29.12 1.12
C LYS A 250 -5.44 -28.04 0.50
N LYS A 251 -5.13 -26.77 0.78
CA LYS A 251 -5.99 -25.68 0.36
C LYS A 251 -5.62 -25.11 -1.00
N LEU A 252 -4.54 -25.64 -1.59
CA LEU A 252 -4.03 -25.18 -2.88
C LEU A 252 -4.72 -25.91 -4.04
N GLN A 253 -4.94 -25.22 -5.16
CA GLN A 253 -5.41 -25.87 -6.37
C GLN A 253 -4.47 -27.03 -6.69
N PRO A 254 -4.97 -28.05 -7.40
CA PRO A 254 -4.20 -29.27 -7.64
C PRO A 254 -2.86 -29.04 -8.34
N THR A 255 -2.82 -28.23 -9.40
CA THR A 255 -1.55 -27.99 -10.07
C THR A 255 -0.57 -27.21 -9.19
N VAL A 256 -1.10 -26.25 -8.43
CA VAL A 256 -0.28 -25.49 -7.50
C VAL A 256 0.26 -26.38 -6.37
N ARG A 257 -0.55 -27.32 -5.88
CA ARG A 257 -0.11 -28.12 -4.75
C ARG A 257 1.07 -28.99 -5.11
N ASN A 258 1.03 -29.59 -6.30
CA ASN A 258 2.10 -30.48 -6.73
C ASN A 258 3.40 -29.71 -6.72
N TYR A 259 3.38 -28.52 -7.32
CA TYR A 259 4.54 -27.65 -7.36
C TYR A 259 5.08 -27.32 -5.97
N VAL A 260 4.20 -26.91 -5.05
CA VAL A 260 4.68 -26.53 -3.73
C VAL A 260 5.22 -27.73 -2.97
N GLU A 261 4.58 -28.88 -3.12
CA GLU A 261 5.01 -30.08 -2.39
C GLU A 261 6.33 -30.64 -2.91
N ASN A 262 6.77 -30.18 -4.07
CA ASN A 262 7.97 -30.72 -4.71
C ASN A 262 9.17 -29.78 -4.71
N ARG A 263 9.01 -28.59 -4.16
CA ARG A 263 10.16 -27.70 -3.97
C ARG A 263 11.10 -28.29 -2.92
N PRO A 264 12.38 -27.96 -3.00
CA PRO A 264 13.30 -28.36 -1.92
C PRO A 264 12.69 -27.97 -0.56
N LYS A 265 12.80 -28.87 0.42
CA LYS A 265 12.27 -28.65 1.77
C LYS A 265 13.26 -27.88 2.65
N TYR A 266 12.72 -27.03 3.53
CA TYR A 266 13.52 -26.26 4.48
C TYR A 266 12.87 -26.32 5.87
N ALA A 267 13.69 -26.44 6.91
CA ALA A 267 13.22 -26.32 8.28
C ALA A 267 12.78 -24.88 8.57
N GLY A 268 13.61 -23.92 8.13
CA GLY A 268 13.31 -22.53 8.36
C GLY A 268 14.16 -21.97 9.47
N LEU A 269 14.09 -20.66 9.70
CA LEU A 269 14.84 -20.06 10.80
C LEU A 269 13.90 -19.68 11.92
N THR A 270 14.44 -19.63 13.14
CA THR A 270 13.67 -19.15 14.28
C THR A 270 13.57 -17.66 14.10
N PHE A 271 12.58 -17.05 14.73
CA PHE A 271 12.49 -15.61 14.64
C PHE A 271 13.62 -14.87 15.36
N PRO A 272 14.15 -15.44 16.46
CA PRO A 272 15.36 -14.82 17.01
C PRO A 272 16.51 -14.72 16.00
N LYS A 273 16.71 -15.77 15.20
CA LYS A 273 17.74 -15.73 14.18
C LYS A 273 17.38 -14.77 13.04
N LEU A 274 16.12 -14.80 12.61
CA LEU A 274 15.67 -13.93 11.52
C LEU A 274 15.81 -12.45 11.87
N PHE A 275 15.51 -12.10 13.12
CA PHE A 275 15.57 -10.71 13.56
C PHE A 275 16.30 -10.60 14.90
N PRO A 276 17.62 -10.81 14.89
CA PRO A 276 18.40 -10.77 16.13
C PRO A 276 18.36 -9.42 16.84
N ASP A 277 18.69 -9.44 18.13
CA ASP A 277 18.60 -8.23 18.94
C ASP A 277 19.53 -7.13 18.46
N SER A 278 20.54 -7.50 17.69
CA SER A 278 21.43 -6.51 17.11
C SER A 278 20.70 -5.54 16.18
N LEU A 279 19.53 -5.93 15.70
CA LEU A 279 18.77 -5.09 14.76
C LEU A 279 17.87 -4.09 15.48
N PHE A 280 17.58 -4.35 16.75
CA PHE A 280 16.63 -3.53 17.49
C PHE A 280 17.31 -2.58 18.47
N PRO A 281 16.69 -1.43 18.74
CA PRO A 281 17.12 -0.69 19.93
C PRO A 281 17.06 -1.65 21.12
N ALA A 282 18.18 -1.83 21.80
CA ALA A 282 18.23 -2.80 22.89
C ALA A 282 19.29 -2.44 23.93
N ASP A 283 19.33 -1.18 24.34
CA ASP A 283 20.26 -0.74 25.37
C ASP A 283 19.61 -0.66 26.75
N SER A 284 18.39 -0.14 26.80
CA SER A 284 17.65 -0.01 28.05
C SER A 284 16.71 -1.20 28.34
N GLU A 285 16.28 -1.35 29.59
CA GLU A 285 15.33 -2.41 29.87
C GLU A 285 14.08 -2.18 29.00
N HIS A 286 13.68 -0.93 28.83
CA HIS A 286 12.53 -0.60 28.00
C HIS A 286 12.71 -1.15 26.60
N ASN A 287 13.86 -0.90 25.99
CA ASN A 287 14.05 -1.38 24.63
C ASN A 287 14.21 -2.89 24.52
N LYS A 288 14.80 -3.54 25.53
CA LYS A 288 14.90 -5.00 25.51
C LYS A 288 13.49 -5.63 25.55
N LEU A 289 12.61 -5.12 26.40
CA LEU A 289 11.25 -5.63 26.44
C LEU A 289 10.56 -5.40 25.08
N LYS A 290 10.68 -4.19 24.54
CA LYS A 290 10.06 -3.84 23.25
C LYS A 290 10.57 -4.69 22.12
N ALA A 291 11.87 -5.00 22.12
CA ALA A 291 12.41 -5.85 21.08
C ALA A 291 11.75 -7.24 21.11
N SER A 292 11.59 -7.80 22.31
CA SER A 292 11.01 -9.13 22.41
C SER A 292 9.54 -9.09 21.97
N GLN A 293 8.88 -7.98 22.24
CA GLN A 293 7.49 -7.79 21.82
C GLN A 293 7.40 -7.60 20.31
N ALA A 294 8.29 -6.77 19.75
CA ALA A 294 8.31 -6.60 18.30
C ALA A 294 8.55 -7.95 17.64
N ARG A 295 9.47 -8.74 18.19
CA ARG A 295 9.78 -10.01 17.55
C ARG A 295 8.59 -10.97 17.64
N ASP A 296 7.81 -10.87 18.72
CA ASP A 296 6.65 -11.73 18.90
C ASP A 296 5.57 -11.42 17.85
N LEU A 297 5.32 -10.13 17.59
CA LEU A 297 4.31 -9.73 16.61
C LEU A 297 4.77 -10.12 15.21
N LEU A 298 6.03 -9.87 14.88
CA LEU A 298 6.55 -10.35 13.62
C LEU A 298 6.30 -11.85 13.46
N SER A 299 6.49 -12.62 14.53
CA SER A 299 6.38 -14.07 14.43
C SER A 299 4.91 -14.48 14.15
N LYS A 300 3.99 -13.57 14.44
CA LYS A 300 2.57 -13.84 14.26
C LYS A 300 2.00 -13.29 12.95
N MET A 301 2.74 -12.40 12.29
CA MET A 301 2.28 -11.80 11.03
C MET A 301 2.93 -12.52 9.84
N LEU A 302 4.20 -12.88 10.00
CA LEU A 302 4.93 -13.56 8.95
C LEU A 302 4.68 -15.04 9.13
N VAL A 303 3.43 -15.42 8.86
CA VAL A 303 2.97 -16.79 9.00
C VAL A 303 2.35 -17.20 7.68
N ILE A 304 2.85 -18.28 7.09
CA ILE A 304 2.47 -18.63 5.74
C ILE A 304 0.99 -19.01 5.66
N ASP A 305 0.51 -19.81 6.59
CA ASP A 305 -0.88 -20.27 6.52
C ASP A 305 -1.80 -19.21 7.13
N PRO A 306 -2.67 -18.60 6.29
CA PRO A 306 -3.55 -17.53 6.76
C PRO A 306 -4.48 -17.95 7.90
N ALA A 307 -4.76 -19.24 8.03
CA ALA A 307 -5.62 -19.71 9.12
C ALA A 307 -4.89 -19.57 10.44
N LYS A 308 -3.57 -19.52 10.40
CA LYS A 308 -2.74 -19.42 11.61
C LYS A 308 -2.14 -18.02 11.80
N ARG A 309 -2.25 -17.18 10.78
CA ARG A 309 -1.76 -15.80 10.81
C ARG A 309 -2.67 -14.90 11.67
N ILE A 310 -2.07 -14.06 12.52
CA ILE A 310 -2.83 -13.17 13.38
C ILE A 310 -3.77 -12.25 12.59
N SER A 311 -4.91 -11.89 13.17
CA SER A 311 -5.86 -11.01 12.52
C SER A 311 -5.49 -9.55 12.76
N VAL A 312 -6.19 -8.65 12.08
CA VAL A 312 -6.03 -7.22 12.29
C VAL A 312 -6.41 -6.80 13.72
N ASP A 313 -7.54 -7.29 14.22
CA ASP A 313 -7.99 -6.89 15.55
C ASP A 313 -7.03 -7.36 16.66
N ASP A 314 -6.59 -8.62 16.58
CA ASP A 314 -5.64 -9.15 17.54
C ASP A 314 -4.28 -8.44 17.45
N ALA A 315 -3.90 -8.03 16.24
CA ALA A 315 -2.67 -7.27 16.08
C ALA A 315 -2.81 -5.91 16.76
N LEU A 316 -3.96 -5.28 16.57
CA LEU A 316 -4.19 -4.02 17.25
C LEU A 316 -4.14 -4.16 18.76
N GLN A 317 -4.45 -5.36 19.27
CA GLN A 317 -4.43 -5.58 20.72
C GLN A 317 -3.05 -5.99 21.20
N HIS A 318 -2.19 -6.34 20.26
CA HIS A 318 -0.88 -6.85 20.65
C HIS A 318 -0.16 -5.81 21.50
N PRO A 319 0.62 -6.27 22.48
CA PRO A 319 1.28 -5.34 23.40
C PRO A 319 2.22 -4.33 22.74
N TYR A 320 2.85 -4.70 21.63
CA TYR A 320 3.77 -3.80 20.93
C TYR A 320 3.00 -2.62 20.34
N ILE A 321 1.71 -2.86 20.08
CA ILE A 321 0.88 -1.95 19.31
C ILE A 321 -0.12 -1.21 20.20
N ASN A 322 -0.65 -1.89 21.21
CA ASN A 322 -1.91 -1.42 21.82
C ASN A 322 -1.72 -0.18 22.69
N VAL A 323 -0.49 0.21 22.96
CA VAL A 323 -0.26 1.45 23.69
C VAL A 323 -0.82 2.64 22.93
N TRP A 324 -1.13 2.44 21.65
CA TRP A 324 -1.63 3.53 20.83
C TRP A 324 -3.14 3.52 20.68
N TYR A 325 -3.77 2.44 21.11
CA TYR A 325 -5.16 2.18 20.77
C TYR A 325 -6.08 3.38 21.05
N ASP A 326 -6.98 3.64 20.10
CA ASP A 326 -7.98 4.69 20.22
C ASP A 326 -9.19 4.29 19.38
N PRO A 327 -10.32 4.03 20.04
CA PRO A 327 -11.53 3.54 19.37
C PRO A 327 -12.08 4.49 18.31
N ALA A 328 -11.83 5.79 18.49
CA ALA A 328 -12.19 6.75 17.47
C ALA A 328 -11.48 6.41 16.16
N GLU A 329 -10.28 5.85 16.27
CA GLU A 329 -9.44 5.57 15.11
C GLU A 329 -9.63 4.14 14.61
N VAL A 330 -9.94 3.23 15.53
CA VAL A 330 -10.00 1.81 15.20
C VAL A 330 -11.41 1.38 14.81
N GLU A 331 -12.41 2.01 15.40
CA GLU A 331 -13.79 1.67 15.12
C GLU A 331 -14.53 2.84 14.48
N ALA A 332 -13.86 3.51 13.53
CA ALA A 332 -14.46 4.62 12.81
C ALA A 332 -15.56 4.13 11.88
N PRO A 333 -16.59 4.95 11.65
CA PRO A 333 -17.75 4.54 10.84
C PRO A 333 -17.36 4.29 9.39
N PRO A 334 -17.67 3.10 8.87
CA PRO A 334 -17.33 2.70 7.50
C PRO A 334 -18.16 3.46 6.46
N PRO A 335 -17.61 3.59 5.25
CA PRO A 335 -18.30 4.22 4.12
C PRO A 335 -19.38 3.33 3.50
N ARG A 345 -16.59 -4.81 -12.49
CA ARG A 345 -16.85 -5.50 -13.75
C ARG A 345 -16.04 -4.89 -14.89
N GLU A 346 -16.46 -5.17 -16.12
CA GLU A 346 -15.65 -4.87 -17.29
C GLU A 346 -16.38 -3.99 -18.28
N HIS A 347 -15.63 -3.17 -19.00
CA HIS A 347 -16.17 -2.36 -20.08
C HIS A 347 -15.16 -2.22 -21.21
N THR A 348 -15.63 -1.66 -22.31
CA THR A 348 -14.77 -1.26 -23.42
C THR A 348 -14.14 0.10 -23.11
N ILE A 349 -13.15 0.51 -23.90
CA ILE A 349 -12.47 1.77 -23.62
C ILE A 349 -13.43 2.94 -23.73
N GLU A 350 -14.35 2.90 -24.67
CA GLU A 350 -15.32 3.99 -24.75
C GLU A 350 -16.26 4.01 -23.54
N GLU A 351 -16.66 2.83 -23.06
CA GLU A 351 -17.54 2.74 -21.90
C GLU A 351 -16.80 3.28 -20.66
N TRP A 352 -15.54 2.87 -20.51
CA TRP A 352 -14.77 3.30 -19.36
C TRP A 352 -14.60 4.82 -19.38
N LYS A 353 -14.30 5.36 -20.56
CA LYS A 353 -14.14 6.80 -20.73
C LYS A 353 -15.35 7.58 -20.20
N GLU A 354 -16.56 7.15 -20.56
CA GLU A 354 -17.74 7.88 -20.09
C GLU A 354 -17.98 7.68 -18.59
N LEU A 355 -17.73 6.47 -18.09
CA LEU A 355 -17.86 6.20 -16.66
C LEU A 355 -16.99 7.17 -15.85
N ILE A 356 -15.72 7.23 -16.22
CA ILE A 356 -14.74 8.06 -15.53
C ILE A 356 -15.05 9.56 -15.68
N TYR A 357 -15.44 9.97 -16.89
CA TYR A 357 -15.84 11.35 -17.11
C TYR A 357 -17.01 11.75 -16.21
N LYS A 358 -18.04 10.91 -16.17
CA LYS A 358 -19.19 11.14 -15.30
C LYS A 358 -18.76 11.30 -13.85
N GLU A 359 -17.89 10.41 -13.39
CA GLU A 359 -17.39 10.48 -12.02
C GLU A 359 -16.67 11.80 -11.79
N VAL A 360 -15.80 12.17 -12.73
CA VAL A 360 -15.04 13.40 -12.62
C VAL A 360 -15.92 14.63 -12.53
N MET A 361 -16.96 14.70 -13.36
CA MET A 361 -17.86 15.84 -13.39
C MET A 361 -18.93 15.76 -12.32
N ASN A 362 -18.77 14.81 -11.39
CA ASN A 362 -19.63 14.69 -10.21
C ASN A 362 -20.92 13.94 -10.51
C4 46C B . 2.23 12.00 -1.65
C5 46C B . 0.89 12.57 -1.42
C6 46C B . -0.15 12.26 -2.38
C10 46C B . 3.85 10.58 -2.91
N12 46C B . 4.54 11.76 -0.84
C13 46C B . 3.32 12.24 -0.65
C15 46C B . 4.16 9.64 -3.99
C17 46C B . 6.26 10.35 -2.09
C20 46C B . 8.33 9.74 -3.40
C26 46C B . 5.57 12.09 0.16
C1 46C B . 0.16 11.39 -3.52
C2 46C B . 1.49 10.83 -3.75
C3 46C B . 2.52 11.15 -2.79
C11 46C B . 4.86 10.92 -1.95
CL14 46C B . -1.03 11.03 -4.63
O16 46C B . 3.06 12.88 0.36
O18 46C B . 6.72 9.69 -1.14
C19 46C B . 7.08 10.60 -3.35
C27 46C B . 6.54 13.14 -0.30
C30 46C B . 6.04 14.50 -0.47
C31 46C B . 6.97 15.52 -0.95
C32 46C B . 8.35 15.15 -1.25
C33 46C B . 8.85 13.78 -1.09
C34 46C B . 7.91 12.74 -0.60
C39 46C B . 4.29 10.14 -5.36
C40 46C B . 4.60 9.19 -6.43
C41 46C B . 4.77 7.75 -6.12
C42 46C B . 4.65 7.28 -4.72
C43 46C B . 4.35 8.22 -3.64
C49 46C B . 9.28 16.23 -1.75
O50 46C B . 10.32 15.93 -2.32
O51 46C B . 8.94 17.44 -1.56
C1 GOL C . 4.15 -0.26 -7.56
O1 GOL C . 4.18 -1.58 -7.56
C2 GOL C . 2.90 0.27 -8.25
O2 GOL C . 1.82 -0.29 -7.72
C3 GOL C . 2.82 1.79 -8.08
O3 GOL C . 2.18 2.37 -9.10
#